data_5YWS
#
_entry.id   5YWS
#
_cell.length_a   59.532
_cell.length_b   96.604
_cell.length_c   101.112
_cell.angle_alpha   90.00
_cell.angle_beta   90.00
_cell.angle_gamma   90.00
#
_symmetry.space_group_name_H-M   'P 21 21 21'
#
loop_
_entity.id
_entity.type
_entity.pdbx_description
1 polymer 'Three-prime repair exonuclease 1'
2 polymer 'A STEM LOOP DNA WITH Y-STRUCTURAL TERMINAL'
3 non-polymer 'MAGNESIUM ION'
4 water water
#
loop_
_entity_poly.entity_id
_entity_poly.type
_entity_poly.pdbx_seq_one_letter_code
_entity_poly.pdbx_strand_id
1 'polypeptide(L)'
;MGSSHHHHHHSSGLVPRGSHMASMTGGQQMGRGSMGSQTLPHGHMQTLIFLDLEATGLPSSRPEVTELCLLAVHRRALEN
TSISQGHPPPVPRPPRVVDKLSLCIAPGKACSPGASEITGLSKAELEVQGRQRFDDNLAILLRAFLQRQPQPCCLVAHNG
DRYDFPLLQTELARLSTPSPLDGTFCVDSIAALKALEQASSPSGNGSRKSYSLGSIYTRLYWQAPTDSHTAEGDVLTLLS
ICQWKPQALLQWVDEHARPFSTVKPMYGTPATTGTT
;
A,B
2 'polydeoxyribonucleotide'
;(DG)(DT)(DT)(DG)(DG)(DC)(DC)(DC)(DT)(DC)(DT)(DT)(DT)(DA)(DG)(DG)(DG)(DC)(DC)(DA)
(DT)(DC)
;
C,D
#
# COMPACT_ATOMS: atom_id res chain seq x y z
N THR A 39 -17.42 -12.05 -28.11
CA THR A 39 -16.04 -12.49 -27.90
C THR A 39 -15.18 -11.33 -27.40
N LEU A 40 -13.89 -11.60 -27.20
CA LEU A 40 -13.02 -10.67 -26.48
C LEU A 40 -12.01 -10.00 -27.42
N PRO A 41 -11.96 -8.65 -27.42
CA PRO A 41 -11.07 -7.94 -28.35
C PRO A 41 -9.59 -8.06 -27.99
N HIS A 42 -9.27 -8.48 -26.76
CA HIS A 42 -7.89 -8.51 -26.29
C HIS A 42 -7.61 -9.66 -25.33
N GLY A 43 -8.38 -10.74 -25.46
CA GLY A 43 -8.21 -11.91 -24.61
C GLY A 43 -8.63 -11.65 -23.17
N HIS A 44 -8.45 -12.66 -22.32
CA HIS A 44 -8.80 -12.53 -20.92
C HIS A 44 -7.78 -11.67 -20.18
N MET A 45 -8.26 -10.68 -19.43
CA MET A 45 -7.39 -9.90 -18.56
C MET A 45 -6.94 -10.79 -17.40
N GLN A 46 -5.63 -10.85 -17.19
CA GLN A 46 -5.06 -11.68 -16.13
C GLN A 46 -4.90 -10.88 -14.84
N THR A 47 -4.74 -9.57 -14.98
CA THR A 47 -4.62 -8.67 -13.85
C THR A 47 -5.58 -7.49 -13.97
N LEU A 48 -6.35 -7.26 -12.92
CA LEU A 48 -7.13 -6.03 -12.78
C LEU A 48 -6.42 -5.12 -11.79
N ILE A 49 -6.07 -3.91 -12.24
CA ILE A 49 -5.50 -2.90 -11.37
C ILE A 49 -6.52 -1.82 -11.08
N PHE A 50 -7.08 -1.86 -9.88
CA PHE A 50 -8.01 -0.84 -9.44
C PHE A 50 -7.20 0.41 -9.11
N LEU A 51 -7.68 1.55 -9.61
CA LEU A 51 -6.90 2.77 -9.63
C LEU A 51 -7.73 3.97 -9.21
N ASP A 52 -7.14 4.83 -8.40
CA ASP A 52 -7.74 6.11 -8.06
C ASP A 52 -6.67 7.16 -7.86
N LEU A 53 -7.03 8.41 -8.16
CA LEU A 53 -6.15 9.55 -7.99
C LEU A 53 -6.82 10.62 -7.16
N GLU A 54 -6.03 11.36 -6.40
CA GLU A 54 -6.45 12.66 -5.90
C GLU A 54 -5.66 13.70 -6.67
N ALA A 55 -6.23 14.89 -6.83
CA ALA A 55 -5.60 15.92 -7.64
C ALA A 55 -5.96 17.31 -7.14
N THR A 56 -5.48 18.32 -7.86
CA THR A 56 -5.60 19.71 -7.45
C THR A 56 -6.98 20.31 -7.76
N GLY A 57 -7.72 19.68 -8.67
CA GLY A 57 -9.03 20.19 -9.04
C GLY A 57 -9.67 19.44 -10.19
N LEU A 58 -10.74 20.01 -10.74
CA LEU A 58 -11.47 19.42 -11.84
C LEU A 58 -10.80 19.77 -13.18
N PRO A 59 -11.16 19.06 -14.26
CA PRO A 59 -10.43 19.14 -15.53
C PRO A 59 -10.20 20.55 -16.10
N SER A 60 -11.15 21.46 -15.92
CA SER A 60 -11.00 22.79 -16.51
C SER A 60 -9.82 23.56 -15.90
N SER A 61 -9.38 23.11 -14.73
CA SER A 61 -8.29 23.77 -14.02
C SER A 61 -6.92 23.25 -14.44
N ARG A 62 -6.90 22.30 -15.39
CA ARG A 62 -5.66 21.64 -15.78
C ARG A 62 -4.96 21.06 -14.55
N PRO A 63 -5.63 20.11 -13.88
CA PRO A 63 -5.18 19.61 -12.56
C PRO A 63 -3.94 18.74 -12.61
N GLU A 64 -3.31 18.57 -11.45
CA GLU A 64 -2.15 17.68 -11.31
C GLU A 64 -2.38 16.72 -10.16
N VAL A 65 -1.88 15.50 -10.32
CA VAL A 65 -2.06 14.44 -9.33
C VAL A 65 -1.35 14.78 -8.02
N THR A 66 -2.03 14.53 -6.91
CA THR A 66 -1.47 14.75 -5.58
C THR A 66 -1.32 13.43 -4.82
N GLU A 67 -1.99 12.40 -5.32
CA GLU A 67 -1.95 11.08 -4.69
C GLU A 67 -2.46 10.04 -5.67
N LEU A 68 -1.85 8.86 -5.67
CA LEU A 68 -2.34 7.77 -6.51
C LEU A 68 -2.26 6.45 -5.76
N CYS A 69 -3.18 5.56 -6.06
CA CYS A 69 -3.19 4.23 -5.47
C CYS A 69 -3.49 3.18 -6.52
N LEU A 70 -2.64 2.15 -6.55
CA LEU A 70 -2.85 0.98 -7.39
C LEU A 70 -3.09 -0.23 -6.50
N LEU A 71 -4.10 -1.01 -6.85
CA LEU A 71 -4.36 -2.30 -6.18
C LEU A 71 -4.49 -3.35 -7.27
N ALA A 72 -3.47 -4.20 -7.38
CA ALA A 72 -3.42 -5.22 -8.43
C ALA A 72 -3.95 -6.56 -7.92
N VAL A 73 -4.98 -7.08 -8.59
CA VAL A 73 -5.57 -8.35 -8.25
C VAL A 73 -5.52 -9.30 -9.43
N HIS A 74 -5.13 -10.54 -9.19
CA HIS A 74 -5.11 -11.55 -10.24
C HIS A 74 -6.53 -11.99 -10.56
N ARG A 75 -6.76 -12.33 -11.82
CA ARG A 75 -8.07 -12.76 -12.29
C ARG A 75 -8.67 -13.88 -11.43
N ARG A 76 -7.82 -14.83 -11.03
CA ARG A 76 -8.29 -15.99 -10.28
C ARG A 76 -8.86 -15.60 -8.91
N ALA A 77 -8.29 -14.56 -8.31
CA ALA A 77 -8.77 -14.10 -7.01
C ALA A 77 -10.19 -13.57 -7.12
N LEU A 78 -10.54 -13.03 -8.28
CA LEU A 78 -11.90 -12.53 -8.52
C LEU A 78 -12.84 -13.68 -8.85
N GLU A 79 -12.37 -14.62 -9.66
CA GLU A 79 -13.19 -15.77 -10.07
C GLU A 79 -13.61 -16.59 -8.86
N ASN A 80 -12.76 -16.61 -7.83
CA ASN A 80 -13.01 -17.37 -6.62
C ASN A 80 -13.56 -16.53 -5.46
N THR A 81 -13.96 -15.30 -5.77
CA THR A 81 -14.59 -14.45 -4.77
C THR A 81 -16.01 -14.97 -4.50
N SER A 82 -16.32 -15.17 -3.22
CA SER A 82 -17.60 -15.75 -2.82
C SER A 82 -18.68 -14.69 -2.69
N ILE A 83 -19.78 -14.87 -3.42
CA ILE A 83 -20.91 -13.94 -3.36
C ILE A 83 -21.79 -14.24 -2.16
N SER A 84 -22.25 -13.16 -1.51
CA SER A 84 -23.28 -13.27 -0.48
C SER A 84 -24.60 -12.78 -1.08
N GLN A 85 -25.69 -13.43 -0.70
CA GLN A 85 -27.01 -13.04 -1.20
C GLN A 85 -27.83 -12.36 -0.11
N GLY A 86 -27.15 -11.84 0.90
CA GLY A 86 -27.80 -11.10 1.96
C GLY A 86 -28.39 -9.80 1.43
N HIS A 87 -29.37 -9.27 2.16
CA HIS A 87 -29.97 -7.98 1.83
C HIS A 87 -29.97 -7.08 3.07
N PRO A 88 -28.91 -6.27 3.23
CA PRO A 88 -27.78 -6.07 2.31
C PRO A 88 -26.70 -7.13 2.49
N PRO A 89 -25.93 -7.42 1.43
CA PRO A 89 -24.78 -8.30 1.62
C PRO A 89 -23.70 -7.59 2.43
N PRO A 90 -22.88 -8.34 3.19
CA PRO A 90 -21.80 -7.68 3.91
C PRO A 90 -20.73 -7.20 2.92
N VAL A 91 -19.96 -6.20 3.30
CA VAL A 91 -18.92 -5.69 2.42
C VAL A 91 -17.86 -6.78 2.23
N PRO A 92 -17.56 -7.15 0.97
CA PRO A 92 -16.57 -8.21 0.77
C PRO A 92 -15.19 -7.80 1.25
N ARG A 93 -14.39 -8.78 1.67
CA ARG A 93 -13.01 -8.54 2.05
C ARG A 93 -12.12 -8.65 0.81
N PRO A 94 -11.07 -7.82 0.75
CA PRO A 94 -10.18 -7.96 -0.40
C PRO A 94 -9.51 -9.33 -0.42
N PRO A 95 -9.10 -9.82 -1.60
CA PRO A 95 -8.44 -11.12 -1.67
C PRO A 95 -7.18 -11.15 -0.83
N ARG A 96 -6.74 -12.33 -0.42
CA ARG A 96 -5.54 -12.45 0.40
C ARG A 96 -4.33 -11.93 -0.37
N VAL A 97 -4.24 -12.33 -1.64
CA VAL A 97 -3.11 -11.97 -2.47
C VAL A 97 -3.42 -10.73 -3.31
N VAL A 98 -2.81 -9.62 -2.94
CA VAL A 98 -2.90 -8.39 -3.71
C VAL A 98 -1.58 -7.65 -3.66
N ASP A 99 -1.28 -6.89 -4.70
CA ASP A 99 -0.18 -5.95 -4.67
C ASP A 99 -0.77 -4.55 -4.55
N LYS A 100 -0.20 -3.75 -3.66
CA LYS A 100 -0.71 -2.41 -3.40
C LYS A 100 0.43 -1.37 -3.47
N LEU A 101 0.13 -0.25 -4.11
CA LEU A 101 1.04 0.90 -4.13
C LEU A 101 0.24 2.15 -3.87
N SER A 102 0.69 2.94 -2.91
CA SER A 102 0.04 4.19 -2.58
C SER A 102 1.11 5.25 -2.35
N LEU A 103 1.02 6.34 -3.10
CA LEU A 103 2.01 7.41 -3.05
C LEU A 103 1.37 8.77 -3.00
N CYS A 104 1.93 9.66 -2.18
CA CYS A 104 1.59 11.06 -2.22
C CYS A 104 2.59 11.80 -3.08
N ILE A 105 2.09 12.76 -3.86
CA ILE A 105 2.85 13.38 -4.93
C ILE A 105 2.75 14.90 -4.83
N ALA A 106 3.89 15.58 -4.81
CA ALA A 106 3.90 17.04 -4.78
C ALA A 106 3.46 17.58 -6.14
N PRO A 107 2.37 18.37 -6.17
CA PRO A 107 1.94 18.95 -7.45
C PRO A 107 2.74 20.19 -7.82
N GLY A 108 2.74 20.55 -9.10
CA GLY A 108 3.40 21.75 -9.56
C GLY A 108 2.56 22.99 -9.34
N LYS A 109 1.31 22.79 -8.94
CA LYS A 109 0.38 23.88 -8.69
C LYS A 109 -0.43 23.60 -7.42
N ALA A 110 -1.02 24.65 -6.86
CA ALA A 110 -1.78 24.52 -5.63
C ALA A 110 -3.11 23.80 -5.87
N CYS A 111 -3.62 23.16 -4.83
CA CYS A 111 -4.95 22.57 -4.87
C CYS A 111 -5.99 23.66 -4.71
N SER A 112 -7.16 23.47 -5.31
CA SER A 112 -8.28 24.37 -5.06
C SER A 112 -8.70 24.21 -3.60
N PRO A 113 -9.36 25.23 -3.02
CA PRO A 113 -9.82 25.10 -1.64
C PRO A 113 -10.75 23.89 -1.47
N GLY A 114 -11.59 23.66 -2.48
CA GLY A 114 -12.49 22.51 -2.46
C GLY A 114 -11.71 21.20 -2.47
N ALA A 115 -10.76 21.09 -3.39
CA ALA A 115 -9.94 19.89 -3.52
C ALA A 115 -9.22 19.56 -2.21
N SER A 116 -8.64 20.59 -1.59
CA SER A 116 -7.93 20.43 -0.33
C SER A 116 -8.85 19.92 0.78
N GLU A 117 -10.03 20.52 0.87
CA GLU A 117 -10.97 20.19 1.93
C GLU A 117 -11.43 18.73 1.86
N ILE A 118 -11.66 18.22 0.65
CA ILE A 118 -12.17 16.85 0.51
C ILE A 118 -11.06 15.79 0.57
N THR A 119 -9.85 16.13 0.12
CA THR A 119 -8.76 15.15 0.09
C THR A 119 -7.89 15.19 1.35
N GLY A 120 -7.92 16.32 2.05
CA GLY A 120 -7.07 16.50 3.23
C GLY A 120 -5.61 16.73 2.85
N LEU A 121 -5.37 17.09 1.60
CA LEU A 121 -4.02 17.31 1.09
C LEU A 121 -3.85 18.75 0.63
N SER A 122 -2.61 19.22 0.62
CA SER A 122 -2.28 20.55 0.09
C SER A 122 -0.86 20.55 -0.43
N LYS A 123 -0.60 21.39 -1.44
CA LYS A 123 0.73 21.53 -2.01
C LYS A 123 1.76 21.85 -0.94
N ALA A 124 1.43 22.79 -0.06
CA ALA A 124 2.36 23.23 0.97
C ALA A 124 2.72 22.11 1.93
N GLU A 125 1.73 21.32 2.34
CA GLU A 125 1.96 20.25 3.30
C GLU A 125 2.72 19.10 2.66
N LEU A 126 2.45 18.84 1.39
CA LEU A 126 3.13 17.77 0.67
C LEU A 126 4.61 18.09 0.51
N GLU A 127 4.91 19.36 0.23
CA GLU A 127 6.29 19.81 0.10
C GLU A 127 7.00 19.83 1.45
N VAL A 128 6.27 20.19 2.50
CA VAL A 128 6.79 20.17 3.86
C VAL A 128 7.30 18.77 4.19
N GLN A 129 6.55 17.75 3.75
CA GLN A 129 6.92 16.37 4.05
C GLN A 129 7.76 15.75 2.94
N GLY A 130 8.43 16.61 2.17
CA GLY A 130 9.42 16.17 1.19
C GLY A 130 8.88 15.29 0.09
N ARG A 131 7.60 15.42 -0.24
CA ARG A 131 7.05 14.66 -1.35
C ARG A 131 7.67 15.14 -2.66
N GLN A 132 8.03 14.19 -3.52
CA GLN A 132 8.60 14.53 -4.83
C GLN A 132 7.50 14.61 -5.87
N ARG A 133 7.83 15.23 -7.01
CA ARG A 133 6.84 15.45 -8.07
C ARG A 133 6.60 14.21 -8.91
N PHE A 134 5.63 14.30 -9.81
CA PHE A 134 5.37 13.24 -10.78
C PHE A 134 6.49 13.23 -11.81
N ASP A 135 7.58 12.53 -11.50
CA ASP A 135 8.81 12.60 -12.28
C ASP A 135 9.19 11.26 -12.89
N ASP A 136 10.34 11.22 -13.53
CA ASP A 136 10.81 10.01 -14.20
C ASP A 136 11.00 8.85 -13.23
N ASN A 137 11.49 9.15 -12.03
CA ASN A 137 11.66 8.12 -11.02
C ASN A 137 10.33 7.46 -10.66
N LEU A 138 9.28 8.28 -10.54
CA LEU A 138 7.95 7.74 -10.28
C LEU A 138 7.48 6.87 -11.45
N ALA A 139 7.76 7.31 -12.67
CA ALA A 139 7.40 6.53 -13.85
C ALA A 139 8.11 5.19 -13.81
N ILE A 140 9.39 5.22 -13.43
CA ILE A 140 10.18 4.00 -13.32
C ILE A 140 9.61 3.12 -12.20
N LEU A 141 9.14 3.75 -11.13
CA LEU A 141 8.51 3.03 -10.02
C LEU A 141 7.28 2.29 -10.54
N LEU A 142 6.43 3.02 -11.27
CA LEU A 142 5.21 2.46 -11.83
C LEU A 142 5.50 1.30 -12.77
N ARG A 143 6.54 1.46 -13.58
CA ARG A 143 6.92 0.42 -14.54
C ARG A 143 7.29 -0.88 -13.86
N ALA A 144 8.13 -0.79 -12.82
CA ALA A 144 8.58 -1.97 -12.10
C ALA A 144 7.41 -2.66 -11.41
N PHE A 145 6.49 -1.87 -10.85
CA PHE A 145 5.30 -2.39 -10.20
C PHE A 145 4.41 -3.12 -11.20
N LEU A 146 4.18 -2.50 -12.34
CA LEU A 146 3.35 -3.08 -13.38
C LEU A 146 3.98 -4.35 -13.96
N GLN A 147 5.31 -4.39 -14.01
CA GLN A 147 6.01 -5.53 -14.59
C GLN A 147 5.86 -6.79 -13.74
N ARG A 148 5.54 -6.59 -12.45
CA ARG A 148 5.35 -7.72 -11.55
C ARG A 148 3.97 -8.35 -11.70
N GLN A 149 3.13 -7.75 -12.55
CA GLN A 149 1.77 -8.23 -12.75
C GLN A 149 1.64 -8.99 -14.07
N PRO A 150 0.94 -10.14 -14.07
CA PRO A 150 0.73 -10.86 -15.32
C PRO A 150 -0.04 -10.05 -16.37
N GLN A 151 0.31 -10.24 -17.63
CA GLN A 151 -0.34 -9.55 -18.74
C GLN A 151 -1.27 -10.52 -19.48
N PRO A 152 -2.31 -10.01 -20.15
CA PRO A 152 -2.71 -8.59 -20.24
C PRO A 152 -3.25 -8.03 -18.94
N CYS A 153 -3.02 -6.73 -18.74
CA CYS A 153 -3.42 -6.04 -17.53
C CYS A 153 -4.41 -4.92 -17.87
N CYS A 154 -5.42 -4.76 -17.02
CA CYS A 154 -6.45 -3.75 -17.26
C CYS A 154 -6.64 -2.85 -16.03
N LEU A 155 -6.51 -1.55 -16.25
CA LEU A 155 -6.78 -0.56 -15.20
C LEU A 155 -8.28 -0.38 -15.02
N VAL A 156 -8.70 -0.17 -13.79
CA VAL A 156 -10.11 0.06 -13.47
C VAL A 156 -10.21 1.31 -12.61
N ALA A 157 -10.96 2.30 -13.08
CA ALA A 157 -11.12 3.57 -12.37
C ALA A 157 -12.51 4.14 -12.55
N HIS A 158 -13.06 4.71 -11.49
CA HIS A 158 -14.41 5.26 -11.52
C HIS A 158 -14.42 6.61 -12.22
N ASN A 159 -15.11 6.65 -13.37
CA ASN A 159 -15.07 7.79 -14.29
C ASN A 159 -13.66 7.94 -14.86
N GLY A 160 -12.95 6.82 -14.96
CA GLY A 160 -11.59 6.83 -15.47
C GLY A 160 -11.49 7.37 -16.87
N ASP A 161 -12.51 7.13 -17.69
CA ASP A 161 -12.50 7.59 -19.08
C ASP A 161 -12.50 9.10 -19.18
N ARG A 162 -13.12 9.77 -18.21
CA ARG A 162 -13.28 11.22 -18.26
C ARG A 162 -12.36 11.97 -17.31
N TYR A 163 -11.65 11.25 -16.45
CA TYR A 163 -10.76 11.90 -15.48
C TYR A 163 -9.41 11.20 -15.32
N ASP A 164 -9.40 10.07 -14.64
CA ASP A 164 -8.15 9.42 -14.24
C ASP A 164 -7.24 9.03 -15.40
N PHE A 165 -7.80 8.40 -16.43
CA PHE A 165 -6.97 7.92 -17.53
C PHE A 165 -6.41 9.08 -18.36
N PRO A 166 -7.26 10.05 -18.73
CA PRO A 166 -6.71 11.21 -19.45
C PRO A 166 -5.66 11.99 -18.65
N LEU A 167 -5.83 12.08 -17.34
CA LEU A 167 -4.89 12.83 -16.51
C LEU A 167 -3.54 12.11 -16.38
N LEU A 168 -3.58 10.79 -16.26
CA LEU A 168 -2.35 10.01 -16.22
C LEU A 168 -1.62 10.12 -17.56
N GLN A 169 -2.39 10.08 -18.64
CA GLN A 169 -1.82 10.21 -19.97
C GLN A 169 -1.07 11.54 -20.08
N THR A 170 -1.67 12.60 -19.56
CA THR A 170 -1.06 13.92 -19.59
C THR A 170 0.21 13.94 -18.74
N GLU A 171 0.11 13.42 -17.52
CA GLU A 171 1.23 13.43 -16.58
C GLU A 171 2.43 12.64 -17.09
N LEU A 172 2.15 11.51 -17.74
CA LEU A 172 3.21 10.64 -18.23
C LEU A 172 3.82 11.16 -19.53
N ALA A 173 3.02 11.89 -20.31
CA ALA A 173 3.48 12.40 -21.61
C ALA A 173 4.55 13.48 -21.42
N ARG A 174 4.55 14.12 -20.26
CA ARG A 174 5.51 15.17 -19.94
C ARG A 174 6.92 14.66 -19.77
N LEU A 175 7.05 13.36 -19.54
CA LEU A 175 8.32 12.75 -19.15
C LEU A 175 9.00 12.03 -20.32
N SER A 176 10.32 11.96 -20.25
CA SER A 176 11.12 11.25 -21.26
C SER A 176 10.96 9.74 -21.12
N THR A 177 10.77 9.27 -19.89
CA THR A 177 10.53 7.85 -19.65
C THR A 177 9.33 7.39 -20.48
N PRO A 178 9.50 6.35 -21.32
CA PRO A 178 8.34 5.89 -22.08
C PRO A 178 7.18 5.49 -21.15
N SER A 179 5.96 5.79 -21.58
CA SER A 179 4.78 5.55 -20.73
C SER A 179 4.71 4.11 -20.23
N PRO A 180 4.76 3.92 -18.90
CA PRO A 180 4.70 2.56 -18.36
C PRO A 180 3.36 1.87 -18.63
N LEU A 181 2.35 2.65 -19.03
CA LEU A 181 1.00 2.13 -19.24
C LEU A 181 0.68 1.85 -20.71
N ASP A 182 1.67 1.98 -21.58
CA ASP A 182 1.40 1.93 -23.02
C ASP A 182 0.93 0.56 -23.50
N GLY A 183 1.31 -0.49 -22.78
CA GLY A 183 0.91 -1.84 -23.12
C GLY A 183 -0.28 -2.35 -22.30
N THR A 184 -0.81 -1.48 -21.45
CA THR A 184 -1.91 -1.85 -20.55
C THR A 184 -3.25 -1.43 -21.12
N PHE A 185 -4.31 -2.06 -20.62
CA PHE A 185 -5.67 -1.73 -21.02
C PHE A 185 -6.38 -1.01 -19.89
N CYS A 186 -7.59 -0.53 -20.15
CA CYS A 186 -8.33 0.21 -19.14
C CYS A 186 -9.84 0.16 -19.39
N VAL A 187 -10.60 0.24 -18.30
CA VAL A 187 -12.05 0.30 -18.35
C VAL A 187 -12.59 1.26 -17.29
N ASP A 188 -13.77 1.78 -17.53
CA ASP A 188 -14.45 2.67 -16.60
C ASP A 188 -15.50 1.89 -15.82
N SER A 189 -15.40 1.92 -14.49
CA SER A 189 -16.26 1.10 -13.65
C SER A 189 -17.69 1.65 -13.55
N ILE A 190 -17.91 2.88 -14.01
CA ILE A 190 -19.25 3.43 -14.04
C ILE A 190 -20.09 2.67 -15.04
N ALA A 191 -19.59 2.52 -16.26
CA ALA A 191 -20.29 1.77 -17.29
C ALA A 191 -20.49 0.34 -16.84
N ALA A 192 -19.47 -0.22 -16.18
CA ALA A 192 -19.53 -1.58 -15.68
C ALA A 192 -20.67 -1.78 -14.69
N LEU A 193 -20.80 -0.85 -13.75
CA LEU A 193 -21.80 -0.98 -12.69
C LEU A 193 -23.19 -0.61 -13.17
N LYS A 194 -23.28 0.25 -14.18
CA LYS A 194 -24.56 0.55 -14.81
C LYS A 194 -25.14 -0.71 -15.41
N ALA A 195 -24.28 -1.49 -16.08
CA ALA A 195 -24.70 -2.73 -16.72
C ALA A 195 -25.12 -3.75 -15.67
N LEU A 196 -24.29 -3.94 -14.64
CA LEU A 196 -24.54 -4.95 -13.63
C LEU A 196 -25.78 -4.65 -12.79
N GLU A 197 -25.96 -3.40 -12.40
CA GLU A 197 -27.11 -3.02 -11.58
C GLU A 197 -28.42 -3.07 -12.36
N GLN A 198 -28.38 -2.67 -13.62
CA GLN A 198 -29.57 -2.69 -14.45
C GLN A 198 -30.00 -4.13 -14.74
N ALA A 199 -29.03 -5.05 -14.70
CA ALA A 199 -29.32 -6.46 -14.85
C ALA A 199 -30.08 -6.98 -13.62
N SER A 200 -29.68 -6.49 -12.45
CA SER A 200 -30.39 -6.83 -11.21
C SER A 200 -31.78 -6.22 -11.26
N SER A 201 -32.76 -6.95 -10.74
CA SER A 201 -34.17 -6.59 -10.88
C SER A 201 -34.49 -5.19 -10.37
N PRO A 202 -35.61 -4.60 -10.84
CA PRO A 202 -35.93 -3.20 -10.55
C PRO A 202 -36.58 -3.00 -9.18
N SER A 203 -36.83 -1.77 -8.74
CA SER A 203 -36.51 -0.53 -9.45
C SER A 203 -34.98 -0.36 -9.58
N GLY A 204 -34.48 0.52 -10.45
CA GLY A 204 -35.23 1.53 -11.18
C GLY A 204 -36.30 1.12 -12.17
N ASN A 205 -35.92 0.31 -13.16
CA ASN A 205 -36.79 -0.04 -14.29
C ASN A 205 -36.99 1.14 -15.22
N GLY A 206 -35.92 1.91 -15.44
CA GLY A 206 -35.98 3.11 -16.25
C GLY A 206 -35.97 4.37 -15.39
N SER A 207 -35.72 4.20 -14.10
CA SER A 207 -35.62 5.32 -13.18
C SER A 207 -34.15 5.68 -12.98
N ARG A 208 -33.82 6.96 -13.15
CA ARG A 208 -32.42 7.38 -13.12
C ARG A 208 -31.90 7.48 -11.70
N LYS A 209 -30.65 7.06 -11.53
CA LYS A 209 -29.99 7.06 -10.24
C LYS A 209 -28.53 7.47 -10.41
N SER A 210 -27.91 7.93 -9.34
CA SER A 210 -26.52 8.35 -9.37
C SER A 210 -25.59 7.15 -9.44
N TYR A 211 -24.54 7.26 -10.24
CA TYR A 211 -23.52 6.22 -10.32
C TYR A 211 -22.18 6.76 -9.85
N SER A 212 -22.22 7.78 -8.98
CA SER A 212 -21.05 8.20 -8.25
C SER A 212 -20.55 7.03 -7.40
N LEU A 213 -19.27 7.05 -7.05
CA LEU A 213 -18.67 5.95 -6.28
C LEU A 213 -19.45 5.69 -5.00
N GLY A 214 -19.71 6.76 -4.24
CA GLY A 214 -20.40 6.65 -2.98
C GLY A 214 -21.84 6.18 -3.11
N SER A 215 -22.53 6.66 -4.15
CA SER A 215 -23.92 6.31 -4.37
C SER A 215 -24.06 4.80 -4.63
N ILE A 216 -23.20 4.26 -5.49
CA ILE A 216 -23.23 2.83 -5.80
C ILE A 216 -22.97 2.02 -4.53
N TYR A 217 -21.88 2.33 -3.85
CA TYR A 217 -21.50 1.63 -2.63
C TYR A 217 -22.64 1.56 -1.64
N THR A 218 -23.32 2.69 -1.44
CA THR A 218 -24.42 2.76 -0.47
C THR A 218 -25.61 1.93 -0.94
N ARG A 219 -25.91 1.98 -2.23
CA ARG A 219 -27.01 1.18 -2.77
C ARG A 219 -26.75 -0.31 -2.55
N LEU A 220 -25.52 -0.73 -2.78
CA LEU A 220 -25.18 -2.16 -2.70
C LEU A 220 -25.07 -2.65 -1.27
N TYR A 221 -24.51 -1.84 -0.38
CA TYR A 221 -24.15 -2.31 0.97
C TYR A 221 -24.85 -1.56 2.10
N TRP A 222 -25.62 -0.53 1.76
CA TRP A 222 -26.38 0.25 2.75
C TRP A 222 -25.48 0.89 3.82
N GLN A 223 -24.21 1.08 3.47
CA GLN A 223 -23.25 1.73 4.35
C GLN A 223 -22.57 2.88 3.64
N ALA A 224 -22.10 3.86 4.40
CA ALA A 224 -21.33 4.95 3.84
C ALA A 224 -19.90 4.47 3.63
N PRO A 225 -19.28 4.85 2.50
CA PRO A 225 -17.88 4.46 2.31
C PRO A 225 -16.96 5.14 3.32
N THR A 226 -15.87 4.47 3.69
CA THR A 226 -14.92 5.02 4.64
C THR A 226 -13.71 5.61 3.93
N ASP A 227 -13.10 6.61 4.57
CA ASP A 227 -11.89 7.24 4.04
C ASP A 227 -12.12 7.81 2.63
N SER A 228 -13.23 8.52 2.47
CA SER A 228 -13.60 9.08 1.18
C SER A 228 -12.59 10.10 0.67
N HIS A 229 -12.34 10.06 -0.64
CA HIS A 229 -11.45 11.00 -1.31
C HIS A 229 -10.02 10.95 -0.77
N THR A 230 -9.63 9.79 -0.26
CA THR A 230 -8.23 9.42 -0.16
C THR A 230 -8.01 8.34 -1.21
N ALA A 231 -6.85 8.34 -1.85
CA ALA A 231 -6.60 7.43 -2.96
C ALA A 231 -6.83 5.97 -2.57
N GLU A 232 -6.23 5.54 -1.47
CA GLU A 232 -6.38 4.17 -1.03
C GLU A 232 -7.82 3.89 -0.59
N GLY A 233 -8.43 4.86 0.09
CA GLY A 233 -9.79 4.70 0.56
C GLY A 233 -10.76 4.46 -0.57
N ASP A 234 -10.69 5.27 -1.61
CA ASP A 234 -11.58 5.14 -2.74
C ASP A 234 -11.27 3.90 -3.60
N VAL A 235 -10.01 3.48 -3.61
CA VAL A 235 -9.64 2.26 -4.32
C VAL A 235 -10.28 1.04 -3.67
N LEU A 236 -10.25 1.01 -2.34
CA LEU A 236 -10.84 -0.08 -1.58
C LEU A 236 -12.36 -0.08 -1.75
N THR A 237 -12.94 1.10 -1.79
CA THR A 237 -14.37 1.26 -2.07
C THR A 237 -14.69 0.73 -3.46
N LEU A 238 -13.84 1.04 -4.42
CA LEU A 238 -14.04 0.59 -5.80
C LEU A 238 -13.94 -0.92 -5.90
N LEU A 239 -12.93 -1.50 -5.24
CA LEU A 239 -12.77 -2.94 -5.19
C LEU A 239 -14.02 -3.61 -4.65
N SER A 240 -14.61 -3.01 -3.61
CA SER A 240 -15.79 -3.57 -2.96
C SER A 240 -16.99 -3.66 -3.90
N ILE A 241 -17.26 -2.61 -4.66
CA ILE A 241 -18.41 -2.62 -5.56
C ILE A 241 -18.14 -3.51 -6.77
N CYS A 242 -16.86 -3.68 -7.10
CA CYS A 242 -16.47 -4.57 -8.19
C CYS A 242 -16.53 -6.03 -7.75
N GLN A 243 -16.51 -6.26 -6.44
CA GLN A 243 -16.62 -7.60 -5.88
C GLN A 243 -18.08 -7.99 -5.64
N TRP A 244 -19.00 -7.07 -5.93
CA TRP A 244 -20.42 -7.33 -5.77
C TRP A 244 -20.88 -8.50 -6.65
N LYS A 245 -20.51 -8.43 -7.92
CA LYS A 245 -20.74 -9.52 -8.87
C LYS A 245 -19.41 -9.81 -9.57
N PRO A 246 -18.53 -10.59 -8.91
CA PRO A 246 -17.16 -10.76 -9.39
C PRO A 246 -17.07 -11.30 -10.82
N GLN A 247 -17.71 -12.43 -11.09
CA GLN A 247 -17.63 -13.06 -12.39
C GLN A 247 -18.24 -12.20 -13.50
N ALA A 248 -19.39 -11.58 -13.20
CA ALA A 248 -20.06 -10.74 -14.18
C ALA A 248 -19.19 -9.54 -14.54
N LEU A 249 -18.50 -8.98 -13.54
CA LEU A 249 -17.61 -7.85 -13.80
C LEU A 249 -16.44 -8.27 -14.68
N LEU A 250 -15.81 -9.39 -14.34
CA LEU A 250 -14.68 -9.89 -15.11
C LEU A 250 -15.04 -10.03 -16.58
N GLN A 251 -16.21 -10.59 -16.85
CA GLN A 251 -16.67 -10.78 -18.21
C GLN A 251 -16.88 -9.44 -18.90
N TRP A 252 -17.47 -8.49 -18.18
CA TRP A 252 -17.71 -7.16 -18.73
C TRP A 252 -16.38 -6.48 -19.06
N VAL A 253 -15.43 -6.60 -18.13
CA VAL A 253 -14.11 -5.99 -18.32
C VAL A 253 -13.41 -6.58 -19.54
N ASP A 254 -13.45 -7.90 -19.67
CA ASP A 254 -12.85 -8.56 -20.82
C ASP A 254 -13.48 -8.08 -22.12
N GLU A 255 -14.77 -7.79 -22.08
CA GLU A 255 -15.51 -7.40 -23.27
C GLU A 255 -15.28 -5.95 -23.68
N HIS A 256 -14.87 -5.11 -22.73
CA HIS A 256 -14.81 -3.66 -22.95
C HIS A 256 -13.42 -3.05 -22.76
N ALA A 257 -12.43 -3.89 -22.45
CA ALA A 257 -11.07 -3.39 -22.25
C ALA A 257 -10.52 -2.77 -23.52
N ARG A 258 -10.06 -1.53 -23.43
CA ARG A 258 -9.44 -0.85 -24.57
C ARG A 258 -8.00 -0.46 -24.21
N PRO A 259 -7.15 -0.29 -25.22
CA PRO A 259 -5.75 0.08 -24.95
C PRO A 259 -5.63 1.47 -24.30
N PHE A 260 -4.82 1.57 -23.27
CA PHE A 260 -4.59 2.85 -22.60
C PHE A 260 -3.92 3.84 -23.55
N SER A 261 -3.19 3.31 -24.53
CA SER A 261 -2.50 4.14 -25.51
C SER A 261 -3.46 4.97 -26.34
N THR A 262 -4.73 4.58 -26.36
CA THR A 262 -5.75 5.29 -27.15
C THR A 262 -6.46 6.38 -26.36
N VAL A 263 -6.14 6.47 -25.06
CA VAL A 263 -6.74 7.49 -24.21
C VAL A 263 -6.20 8.88 -24.54
N LYS A 264 -7.09 9.79 -24.89
CA LYS A 264 -6.71 11.17 -25.17
C LYS A 264 -6.29 11.87 -23.89
N PRO A 265 -5.13 12.56 -23.90
CA PRO A 265 -4.73 13.33 -22.72
C PRO A 265 -5.77 14.38 -22.32
N MET A 266 -5.89 14.63 -21.02
CA MET A 266 -6.84 15.62 -20.52
C MET A 266 -6.52 17.01 -21.05
N TYR A 267 -5.23 17.33 -21.09
CA TYR A 267 -4.78 18.60 -21.63
C TYR A 267 -3.32 18.47 -22.08
N GLY A 268 -2.80 19.54 -22.69
CA GLY A 268 -1.47 19.50 -23.28
C GLY A 268 -0.58 20.64 -22.84
N THR A 269 0.73 20.43 -23.00
CA THR A 269 1.73 21.46 -22.71
C THR A 269 1.74 22.51 -23.81
N GLY B 36 32.12 13.50 16.59
CA GLY B 36 30.72 13.84 16.44
C GLY B 36 29.89 13.43 17.64
N SER B 37 28.57 13.57 17.54
CA SER B 37 27.68 13.19 18.63
C SER B 37 27.54 11.67 18.68
N GLN B 38 27.59 11.14 19.90
CA GLN B 38 27.42 9.70 20.11
C GLN B 38 25.96 9.37 20.42
N THR B 39 25.17 10.39 20.75
CA THR B 39 23.75 10.19 21.06
C THR B 39 22.86 10.55 19.88
N LEU B 40 23.44 11.22 18.87
CA LEU B 40 22.75 11.49 17.62
C LEU B 40 23.73 11.21 16.47
N PRO B 41 24.11 9.94 16.30
CA PRO B 41 25.22 9.54 15.43
C PRO B 41 25.00 9.84 13.96
N HIS B 42 23.74 9.79 13.51
CA HIS B 42 23.44 9.94 12.08
C HIS B 42 22.43 11.06 11.83
N GLY B 43 22.33 11.99 12.77
CA GLY B 43 21.38 13.09 12.66
C GLY B 43 19.96 12.62 12.86
N HIS B 44 19.01 13.55 12.82
CA HIS B 44 17.60 13.22 12.98
C HIS B 44 17.06 12.53 11.74
N MET B 45 16.37 11.41 11.95
CA MET B 45 15.75 10.70 10.84
C MET B 45 14.57 11.50 10.31
N GLN B 46 14.52 11.67 9.00
CA GLN B 46 13.46 12.44 8.36
C GLN B 46 12.31 11.54 7.91
N THR B 47 12.63 10.28 7.65
CA THR B 47 11.63 9.29 7.27
C THR B 47 11.79 8.01 8.09
N LEU B 48 10.66 7.52 8.59
CA LEU B 48 10.57 6.19 9.16
C LEU B 48 9.82 5.30 8.19
N ILE B 49 10.43 4.19 7.81
CA ILE B 49 9.77 3.20 6.97
C ILE B 49 9.47 1.96 7.81
N PHE B 50 8.22 1.80 8.17
CA PHE B 50 7.79 0.63 8.91
C PHE B 50 7.75 -0.57 7.98
N LEU B 51 8.37 -1.65 8.41
CA LEU B 51 8.62 -2.81 7.58
C LEU B 51 8.11 -4.10 8.22
N ASP B 52 7.47 -4.95 7.42
CA ASP B 52 7.19 -6.32 7.84
C ASP B 52 7.32 -7.28 6.67
N LEU B 53 7.84 -8.46 6.97
CA LEU B 53 7.99 -9.53 6.00
C LEU B 53 7.21 -10.76 6.44
N GLU B 54 6.66 -11.49 5.48
CA GLU B 54 6.24 -12.87 5.69
C GLU B 54 7.17 -13.76 4.88
N ALA B 55 7.40 -14.98 5.36
CA ALA B 55 8.36 -15.87 4.72
C ALA B 55 7.96 -17.33 4.90
N THR B 56 8.82 -18.23 4.43
CA THR B 56 8.54 -19.65 4.40
C THR B 56 8.78 -20.35 5.74
N GLY B 57 9.52 -19.71 6.63
CA GLY B 57 9.83 -20.31 7.92
C GLY B 57 10.75 -19.49 8.80
N LEU B 58 11.26 -20.13 9.85
CA LEU B 58 12.16 -19.50 10.82
C LEU B 58 13.62 -19.52 10.31
N PRO B 59 14.51 -18.73 10.94
CA PRO B 59 15.86 -18.50 10.41
C PRO B 59 16.67 -19.75 10.04
N SER B 60 16.68 -20.78 10.89
CA SER B 60 17.53 -21.95 10.64
C SER B 60 17.10 -22.68 9.38
N SER B 61 15.88 -22.43 8.92
CA SER B 61 15.36 -23.09 7.73
C SER B 61 15.83 -22.41 6.45
N ARG B 62 16.59 -21.32 6.60
CA ARG B 62 17.02 -20.51 5.45
C ARG B 62 15.79 -20.07 4.65
N PRO B 63 14.93 -19.26 5.28
CA PRO B 63 13.64 -18.92 4.68
C PRO B 63 13.71 -17.91 3.54
N GLU B 64 12.65 -17.87 2.75
CA GLU B 64 12.55 -16.93 1.65
C GLU B 64 11.28 -16.09 1.82
N VAL B 65 11.36 -14.82 1.44
CA VAL B 65 10.26 -13.89 1.62
C VAL B 65 9.09 -14.24 0.72
N THR B 66 7.89 -14.17 1.28
CA THR B 66 6.65 -14.45 0.56
C THR B 66 5.79 -13.19 0.45
N GLU B 67 6.03 -12.23 1.34
CA GLU B 67 5.28 -10.98 1.31
C GLU B 67 6.09 -9.91 2.03
N LEU B 68 6.04 -8.68 1.51
CA LEU B 68 6.69 -7.57 2.18
C LEU B 68 5.80 -6.33 2.10
N CYS B 69 5.85 -5.51 3.15
CA CYS B 69 5.13 -4.27 3.20
C CYS B 69 6.00 -3.14 3.74
N LEU B 70 6.02 -2.03 3.01
CA LEU B 70 6.70 -0.81 3.44
C LEU B 70 5.67 0.29 3.66
N LEU B 71 5.76 0.97 4.80
CA LEU B 71 4.92 2.13 5.06
C LEU B 71 5.83 3.28 5.48
N ALA B 72 6.03 4.22 4.57
CA ALA B 72 6.94 5.34 4.81
C ALA B 72 6.18 6.53 5.37
N VAL B 73 6.67 7.04 6.49
CA VAL B 73 6.05 8.17 7.17
C VAL B 73 7.10 9.23 7.45
N HIS B 74 6.79 10.48 7.12
CA HIS B 74 7.70 11.58 7.39
C HIS B 74 7.69 11.89 8.89
N ARG B 75 8.84 12.35 9.38
CA ARG B 75 9.00 12.68 10.79
C ARG B 75 7.91 13.62 11.29
N ARG B 76 7.59 14.63 10.50
CA ARG B 76 6.61 15.64 10.88
C ARG B 76 5.21 15.04 11.04
N ALA B 77 4.86 14.13 10.14
CA ALA B 77 3.56 13.46 10.20
C ALA B 77 3.43 12.67 11.49
N LEU B 78 4.54 12.09 11.94
CA LEU B 78 4.54 11.27 13.15
C LEU B 78 4.63 12.15 14.39
N GLU B 79 5.43 13.21 14.32
CA GLU B 79 5.57 14.15 15.43
C GLU B 79 4.24 14.81 15.77
N ASN B 80 3.40 15.00 14.76
CA ASN B 80 2.11 15.65 14.93
C ASN B 80 0.99 14.67 15.28
N THR B 81 1.35 13.40 15.47
CA THR B 81 0.40 12.40 15.94
C THR B 81 -0.24 12.88 17.23
N SER B 82 -1.57 13.00 17.23
CA SER B 82 -2.28 13.38 18.44
C SER B 82 -2.26 12.22 19.42
N ILE B 83 -1.39 12.32 20.43
CA ILE B 83 -1.21 11.26 21.40
C ILE B 83 -2.47 11.06 22.24
N SER B 84 -2.92 9.80 22.30
CA SER B 84 -4.08 9.43 23.11
C SER B 84 -3.69 9.32 24.57
N GLN B 85 -4.67 9.47 25.48
CA GLN B 85 -4.38 9.54 26.91
C GLN B 85 -5.38 8.77 27.78
N GLY B 86 -6.25 7.99 27.15
CA GLY B 86 -7.30 7.28 27.88
C GLY B 86 -6.79 6.07 28.65
N HIS B 87 -7.73 5.31 29.21
CA HIS B 87 -7.44 4.08 29.92
C HIS B 87 -8.49 3.04 29.56
N PRO B 88 -8.33 2.37 28.41
CA PRO B 88 -7.21 2.46 27.48
C PRO B 88 -7.34 3.63 26.50
N PRO B 89 -6.21 4.12 25.96
CA PRO B 89 -6.29 5.12 24.90
C PRO B 89 -6.85 4.49 23.64
N PRO B 90 -7.61 5.25 22.84
CA PRO B 90 -8.05 4.64 21.57
C PRO B 90 -6.88 4.48 20.62
N VAL B 91 -6.96 3.54 19.69
CA VAL B 91 -5.87 3.32 18.76
C VAL B 91 -5.69 4.57 17.90
N PRO B 92 -4.45 5.10 17.81
CA PRO B 92 -4.26 6.31 17.00
C PRO B 92 -4.51 6.03 15.53
N ARG B 93 -4.97 7.04 14.79
CA ARG B 93 -5.18 6.89 13.36
C ARG B 93 -3.86 7.10 12.63
N PRO B 94 -3.65 6.40 11.50
CA PRO B 94 -2.44 6.64 10.72
C PRO B 94 -2.37 8.08 10.22
N PRO B 95 -1.16 8.62 9.99
CA PRO B 95 -1.09 9.96 9.42
C PRO B 95 -1.72 10.02 8.03
N ARG B 96 -2.21 11.20 7.63
CA ARG B 96 -2.82 11.35 6.32
C ARG B 96 -1.83 11.05 5.20
N VAL B 97 -0.65 11.65 5.30
CA VAL B 97 0.36 11.53 4.26
C VAL B 97 1.26 10.34 4.55
N VAL B 98 1.11 9.28 3.77
CA VAL B 98 1.98 8.12 3.88
C VAL B 98 2.23 7.53 2.49
N ASP B 99 3.37 6.87 2.32
CA ASP B 99 3.63 6.07 1.13
C ASP B 99 3.59 4.60 1.52
N LYS B 100 2.88 3.80 0.73
CA LYS B 100 2.70 2.40 1.03
C LYS B 100 3.08 1.52 -0.16
N LEU B 101 3.80 0.44 0.13
CA LEU B 101 4.07 -0.60 -0.85
C LEU B 101 3.81 -1.95 -0.19
N SER B 102 2.95 -2.75 -0.81
CA SER B 102 2.64 -4.08 -0.32
C SER B 102 2.72 -5.06 -1.49
N LEU B 103 3.60 -6.05 -1.38
CA LEU B 103 3.85 -7.00 -2.46
C LEU B 103 3.87 -8.45 -1.99
N CYS B 104 3.22 -9.32 -2.74
CA CYS B 104 3.34 -10.75 -2.53
C CYS B 104 4.41 -11.31 -3.47
N ILE B 105 5.19 -12.25 -2.96
CA ILE B 105 6.39 -12.72 -3.66
C ILE B 105 6.43 -14.24 -3.69
N ALA B 106 6.65 -14.80 -4.88
CA ALA B 106 6.76 -16.24 -5.02
C ALA B 106 8.12 -16.72 -4.50
N PRO B 107 8.10 -17.63 -3.50
CA PRO B 107 9.38 -18.16 -3.00
C PRO B 107 9.90 -19.31 -3.88
N GLY B 108 11.19 -19.61 -3.76
CA GLY B 108 11.79 -20.69 -4.51
C GLY B 108 11.53 -22.05 -3.88
N LYS B 109 11.04 -22.05 -2.65
CA LYS B 109 10.71 -23.30 -1.96
C LYS B 109 9.43 -23.16 -1.14
N ALA B 110 8.92 -24.30 -0.67
CA ALA B 110 7.64 -24.33 0.02
C ALA B 110 7.71 -23.68 1.39
N CYS B 111 6.58 -23.17 1.85
CA CYS B 111 6.45 -22.72 3.22
C CYS B 111 6.30 -23.93 4.12
N SER B 112 6.73 -23.82 5.36
CA SER B 112 6.45 -24.84 6.35
C SER B 112 4.94 -24.86 6.59
N PRO B 113 4.42 -25.98 7.11
CA PRO B 113 2.98 -26.03 7.39
C PRO B 113 2.55 -24.92 8.35
N GLY B 114 3.35 -24.70 9.39
CA GLY B 114 3.05 -23.68 10.38
C GLY B 114 3.04 -22.29 9.76
N ALA B 115 4.03 -22.01 8.93
CA ALA B 115 4.15 -20.71 8.29
C ALA B 115 2.96 -20.44 7.38
N SER B 116 2.57 -21.45 6.61
CA SER B 116 1.43 -21.30 5.71
C SER B 116 0.13 -21.09 6.49
N GLU B 117 0.01 -21.78 7.61
CA GLU B 117 -1.21 -21.73 8.42
C GLU B 117 -1.43 -20.34 9.02
N ILE B 118 -0.38 -19.71 9.49
CA ILE B 118 -0.51 -18.41 10.15
C ILE B 118 -0.56 -17.24 9.17
N THR B 119 0.12 -17.38 8.02
CA THR B 119 0.19 -16.29 7.04
C THR B 119 -0.91 -16.33 5.99
N GLY B 120 -1.49 -17.51 5.79
CA GLY B 120 -2.51 -17.68 4.76
C GLY B 120 -1.91 -17.68 3.36
N LEU B 121 -0.59 -17.84 3.29
CA LEU B 121 0.13 -17.89 2.03
C LEU B 121 0.79 -19.25 1.82
N SER B 122 0.87 -19.66 0.56
CA SER B 122 1.61 -20.86 0.18
C SER B 122 2.32 -20.59 -1.14
N LYS B 123 3.39 -21.34 -1.39
CA LYS B 123 4.12 -21.24 -2.64
C LYS B 123 3.19 -21.49 -3.82
N ALA B 124 2.40 -22.56 -3.71
CA ALA B 124 1.49 -22.96 -4.77
C ALA B 124 0.46 -21.87 -5.10
N GLU B 125 -0.16 -21.32 -4.07
CA GLU B 125 -1.20 -20.32 -4.27
C GLU B 125 -0.60 -19.01 -4.79
N LEU B 126 0.64 -18.72 -4.40
CA LEU B 126 1.31 -17.53 -4.91
C LEU B 126 1.60 -17.67 -6.39
N GLU B 127 1.84 -18.91 -6.82
CA GLU B 127 2.19 -19.17 -8.21
C GLU B 127 0.99 -19.08 -9.15
N VAL B 128 -0.16 -19.58 -8.71
CA VAL B 128 -1.36 -19.52 -9.54
C VAL B 128 -1.83 -18.07 -9.66
N GLN B 129 -1.53 -17.26 -8.66
CA GLN B 129 -1.81 -15.82 -8.69
C GLN B 129 -0.75 -15.11 -9.53
N GLY B 130 0.20 -15.87 -10.06
CA GLY B 130 1.19 -15.34 -10.99
C GLY B 130 2.23 -14.43 -10.37
N ARG B 131 2.60 -14.67 -9.12
CA ARG B 131 3.60 -13.85 -8.44
C ARG B 131 5.02 -14.17 -8.92
N GLN B 132 5.84 -13.12 -9.02
CA GLN B 132 7.23 -13.27 -9.43
C GLN B 132 8.16 -13.44 -8.23
N ARG B 133 9.40 -13.83 -8.51
CA ARG B 133 10.41 -14.04 -7.46
C ARG B 133 10.94 -12.72 -6.92
N PHE B 134 11.76 -12.82 -5.89
CA PHE B 134 12.51 -11.69 -5.36
C PHE B 134 13.69 -11.42 -6.29
N ASP B 135 13.44 -10.71 -7.38
CA ASP B 135 14.41 -10.56 -8.46
C ASP B 135 14.93 -9.13 -8.59
N ASP B 136 15.73 -8.89 -9.61
CA ASP B 136 16.32 -7.57 -9.85
C ASP B 136 15.27 -6.49 -10.06
N ASN B 137 14.16 -6.83 -10.71
CA ASN B 137 13.10 -5.86 -10.94
C ASN B 137 12.49 -5.41 -9.61
N LEU B 138 12.39 -6.32 -8.65
CA LEU B 138 11.84 -5.97 -7.35
C LEU B 138 12.79 -5.01 -6.64
N ALA B 139 14.09 -5.23 -6.82
CA ALA B 139 15.10 -4.34 -6.26
C ALA B 139 15.00 -2.94 -6.87
N ILE B 140 14.71 -2.88 -8.17
CA ILE B 140 14.53 -1.61 -8.84
C ILE B 140 13.28 -0.90 -8.32
N LEU B 141 12.24 -1.69 -8.06
CA LEU B 141 11.00 -1.17 -7.49
C LEU B 141 11.29 -0.57 -6.11
N LEU B 142 11.95 -1.34 -5.25
CA LEU B 142 12.27 -0.90 -3.91
C LEU B 142 13.14 0.35 -3.92
N ARG B 143 14.09 0.39 -4.85
CA ARG B 143 15.00 1.53 -4.97
C ARG B 143 14.22 2.81 -5.30
N ALA B 144 13.31 2.71 -6.26
CA ALA B 144 12.53 3.87 -6.69
C ALA B 144 11.59 4.34 -5.57
N PHE B 145 11.07 3.40 -4.81
CA PHE B 145 10.22 3.72 -3.68
C PHE B 145 11.02 4.44 -2.60
N LEU B 146 12.20 3.91 -2.29
CA LEU B 146 13.08 4.51 -1.30
C LEU B 146 13.56 5.89 -1.73
N GLN B 147 13.77 6.06 -3.03
CA GLN B 147 14.29 7.31 -3.57
C GLN B 147 13.32 8.46 -3.36
N ARG B 148 12.04 8.14 -3.21
CA ARG B 148 11.02 9.16 -3.02
C ARG B 148 10.92 9.65 -1.58
N GLN B 149 11.70 9.04 -0.69
CA GLN B 149 11.64 9.40 0.74
C GLN B 149 12.83 10.27 1.13
N PRO B 150 12.59 11.37 1.86
CA PRO B 150 13.70 12.21 2.33
C PRO B 150 14.67 11.45 3.25
N GLN B 151 15.96 11.75 3.11
CA GLN B 151 16.99 11.13 3.94
C GLN B 151 17.41 12.10 5.05
N PRO B 152 17.93 11.59 6.18
CA PRO B 152 18.16 10.17 6.50
C PRO B 152 16.88 9.39 6.68
N CYS B 153 16.91 8.12 6.27
CA CYS B 153 15.76 7.23 6.33
C CYS B 153 16.08 6.03 7.20
N CYS B 154 15.13 5.63 8.05
CA CYS B 154 15.33 4.51 8.98
C CYS B 154 14.23 3.46 8.87
N LEU B 155 14.63 2.20 8.66
CA LEU B 155 13.70 1.09 8.69
C LEU B 155 13.33 0.73 10.13
N VAL B 156 12.05 0.48 10.37
CA VAL B 156 11.57 0.05 11.67
C VAL B 156 10.84 -1.28 11.52
N ALA B 157 11.33 -2.31 12.19
CA ALA B 157 10.71 -3.64 12.13
C ALA B 157 10.78 -4.32 13.49
N HIS B 158 9.75 -5.10 13.80
CA HIS B 158 9.64 -5.77 15.08
C HIS B 158 10.48 -7.05 15.12
N ASN B 159 11.49 -7.05 15.98
CA ASN B 159 12.51 -8.10 16.00
C ASN B 159 13.30 -8.09 14.69
N GLY B 160 13.42 -6.91 14.10
CA GLY B 160 14.12 -6.74 12.84
C GLY B 160 15.57 -7.16 12.89
N ASP B 161 16.24 -6.86 14.00
CA ASP B 161 17.66 -7.20 14.16
C ASP B 161 17.87 -8.71 14.11
N ARG B 162 16.86 -9.47 14.52
CA ARG B 162 16.96 -10.92 14.59
C ARG B 162 16.30 -11.63 13.41
N TYR B 163 15.54 -10.89 12.59
CA TYR B 163 14.80 -11.52 11.51
C TYR B 163 14.74 -10.69 10.23
N ASP B 164 13.93 -9.63 10.23
CA ASP B 164 13.64 -8.90 9.00
C ASP B 164 14.87 -8.31 8.31
N PHE B 165 15.76 -7.70 9.07
CA PHE B 165 16.90 -7.03 8.44
C PHE B 165 17.89 -8.05 7.86
N PRO B 166 18.30 -9.06 8.66
CA PRO B 166 19.17 -10.09 8.08
C PRO B 166 18.56 -10.81 6.88
N LEU B 167 17.28 -11.11 6.93
CA LEU B 167 16.61 -11.80 5.82
C LEU B 167 16.60 -10.93 4.57
N LEU B 168 16.25 -9.67 4.74
CA LEU B 168 16.22 -8.72 3.63
C LEU B 168 17.63 -8.54 3.05
N GLN B 169 18.64 -8.57 3.92
CA GLN B 169 20.02 -8.45 3.50
C GLN B 169 20.40 -9.63 2.61
N THR B 170 19.96 -10.82 3.01
CA THR B 170 20.21 -12.04 2.24
C THR B 170 19.55 -11.97 0.87
N GLU B 171 18.29 -11.57 0.84
CA GLU B 171 17.53 -11.53 -0.40
C GLU B 171 18.18 -10.60 -1.42
N LEU B 172 18.63 -9.44 -0.93
CA LEU B 172 19.21 -8.42 -1.79
C LEU B 172 20.62 -8.80 -2.24
N ALA B 173 21.35 -9.49 -1.37
CA ALA B 173 22.74 -9.85 -1.65
C ALA B 173 22.85 -10.82 -2.83
N ARG B 174 21.79 -11.58 -3.08
CA ARG B 174 21.81 -12.58 -4.14
C ARG B 174 21.57 -11.94 -5.51
N LEU B 175 21.22 -10.67 -5.52
CA LEU B 175 20.90 -9.96 -6.76
C LEU B 175 22.10 -9.21 -7.31
N SER B 176 22.22 -9.18 -8.63
CA SER B 176 23.30 -8.47 -9.29
C SER B 176 23.21 -6.97 -9.03
N THR B 177 21.99 -6.47 -8.93
CA THR B 177 21.75 -5.06 -8.66
C THR B 177 22.34 -4.66 -7.30
N PRO B 178 23.00 -3.50 -7.22
CA PRO B 178 23.50 -3.05 -5.91
C PRO B 178 22.35 -2.78 -4.94
N SER B 179 22.57 -3.06 -3.65
CA SER B 179 21.52 -2.93 -2.66
C SER B 179 20.98 -1.51 -2.56
N PRO B 180 19.65 -1.33 -2.65
CA PRO B 180 19.07 0.01 -2.51
C PRO B 180 18.98 0.48 -1.05
N LEU B 181 19.53 -0.28 -0.12
CA LEU B 181 19.47 0.05 1.30
C LEU B 181 20.85 0.37 1.88
N ASP B 182 21.85 0.53 1.02
CA ASP B 182 23.23 0.71 1.48
C ASP B 182 23.46 2.03 2.20
N GLY B 183 22.55 2.99 2.00
CA GLY B 183 22.63 4.28 2.68
C GLY B 183 21.49 4.47 3.68
N THR B 184 20.71 3.42 3.87
CA THR B 184 19.54 3.47 4.74
C THR B 184 19.91 2.96 6.13
N PHE B 185 19.19 3.44 7.14
CA PHE B 185 19.41 3.01 8.51
C PHE B 185 18.28 2.09 8.96
N CYS B 186 18.44 1.49 10.14
CA CYS B 186 17.44 0.55 10.64
C CYS B 186 17.46 0.48 12.16
N VAL B 187 16.33 0.08 12.73
CA VAL B 187 16.18 0.00 14.17
C VAL B 187 15.08 -1.00 14.53
N ASP B 188 15.26 -1.67 15.66
CA ASP B 188 14.33 -2.70 16.12
C ASP B 188 13.32 -2.08 17.07
N SER B 189 12.04 -2.31 16.81
CA SER B 189 10.99 -1.69 17.62
C SER B 189 10.76 -2.41 18.95
N ILE B 190 11.32 -3.60 19.13
CA ILE B 190 11.20 -4.29 20.41
C ILE B 190 11.95 -3.53 21.48
N ALA B 191 13.23 -3.23 21.21
CA ALA B 191 14.05 -2.46 22.15
C ALA B 191 13.42 -1.10 22.40
N ALA B 192 12.90 -0.49 21.34
CA ALA B 192 12.26 0.81 21.45
C ALA B 192 11.09 0.76 22.42
N LEU B 193 10.16 -0.15 22.20
CA LEU B 193 8.95 -0.21 23.03
C LEU B 193 9.26 -0.68 24.46
N LYS B 194 10.27 -1.53 24.62
CA LYS B 194 10.74 -1.88 25.94
C LYS B 194 11.09 -0.63 26.72
N ALA B 195 11.84 0.26 26.08
CA ALA B 195 12.31 1.48 26.73
C ALA B 195 11.16 2.43 27.05
N LEU B 196 10.24 2.59 26.10
CA LEU B 196 9.12 3.50 26.29
C LEU B 196 8.22 3.04 27.43
N GLU B 197 7.95 1.74 27.49
CA GLU B 197 7.10 1.20 28.55
C GLU B 197 7.80 1.28 29.92
N GLN B 198 9.11 1.06 29.94
CA GLN B 198 9.87 1.22 31.17
C GLN B 198 9.76 2.64 31.70
N ALA B 199 9.68 3.61 30.79
CA ALA B 199 9.60 5.01 31.18
C ALA B 199 8.23 5.38 31.73
N SER B 200 7.28 4.44 31.63
CA SER B 200 5.94 4.62 32.20
C SER B 200 5.58 3.50 33.17
N SER B 201 6.53 2.58 33.40
CA SER B 201 6.19 1.26 33.93
C SER B 201 5.60 1.23 35.33
N PRO B 202 6.18 1.98 36.29
CA PRO B 202 5.63 1.78 37.65
C PRO B 202 4.17 2.23 37.74
N SER B 203 3.34 1.56 38.54
CA SER B 203 3.73 0.47 39.44
C SER B 203 3.74 -0.89 38.76
N GLY B 204 4.07 -1.92 39.54
CA GLY B 204 4.00 -3.29 39.06
C GLY B 204 5.17 -3.71 38.17
N ASN B 205 6.19 -2.86 38.09
CA ASN B 205 7.33 -3.14 37.23
C ASN B 205 8.33 -4.07 37.93
N GLY B 206 9.33 -4.53 37.18
CA GLY B 206 10.20 -5.60 37.62
C GLY B 206 9.58 -6.93 37.30
N SER B 207 8.43 -6.89 36.63
CA SER B 207 7.69 -8.07 36.23
C SER B 207 7.81 -8.28 34.72
N ARG B 208 8.09 -9.51 34.31
CA ARG B 208 8.35 -9.83 32.92
C ARG B 208 7.07 -9.75 32.08
N LYS B 209 7.19 -9.17 30.89
CA LYS B 209 6.09 -9.06 29.94
C LYS B 209 6.56 -9.48 28.57
N SER B 210 5.65 -9.97 27.74
CA SER B 210 5.95 -10.33 26.37
C SER B 210 6.02 -9.07 25.52
N TYR B 211 6.99 -9.01 24.62
CA TYR B 211 7.15 -7.88 23.71
C TYR B 211 6.99 -8.33 22.26
N SER B 212 6.19 -9.37 22.07
CA SER B 212 5.73 -9.72 20.74
C SER B 212 4.82 -8.61 20.27
N LEU B 213 4.66 -8.47 18.96
CA LEU B 213 3.86 -7.39 18.38
C LEU B 213 2.45 -7.36 18.97
N GLY B 214 1.80 -8.52 18.97
CA GLY B 214 0.42 -8.61 19.43
C GLY B 214 0.27 -8.32 20.91
N SER B 215 1.22 -8.78 21.71
CA SER B 215 1.16 -8.60 23.15
C SER B 215 1.26 -7.12 23.52
N ILE B 216 2.15 -6.39 22.85
CA ILE B 216 2.32 -4.96 23.10
C ILE B 216 1.02 -4.24 22.74
N TYR B 217 0.54 -4.49 21.54
CA TYR B 217 -0.66 -3.83 21.02
C TYR B 217 -1.84 -4.01 21.97
N THR B 218 -2.08 -5.24 22.38
CA THR B 218 -3.19 -5.55 23.27
C THR B 218 -2.99 -4.90 24.64
N ARG B 219 -1.75 -4.87 25.09
CA ARG B 219 -1.43 -4.29 26.39
C ARG B 219 -1.66 -2.78 26.40
N LEU B 220 -1.38 -2.14 25.27
CA LEU B 220 -1.53 -0.69 25.17
C LEU B 220 -2.98 -0.26 24.95
N TYR B 221 -3.69 -1.00 24.09
CA TYR B 221 -4.97 -0.54 23.57
C TYR B 221 -6.17 -1.42 23.96
N TRP B 222 -5.88 -2.54 24.63
CA TRP B 222 -6.93 -3.47 25.07
C TRP B 222 -7.81 -3.92 23.90
N GLN B 223 -7.19 -4.12 22.74
CA GLN B 223 -7.86 -4.73 21.59
C GLN B 223 -6.93 -5.75 20.96
N ALA B 224 -7.50 -6.74 20.29
CA ALA B 224 -6.68 -7.71 19.55
C ALA B 224 -6.24 -7.08 18.23
N PRO B 225 -5.01 -7.39 17.78
CA PRO B 225 -4.60 -6.90 16.47
C PRO B 225 -5.45 -7.48 15.35
N THR B 226 -5.59 -6.75 14.24
CA THR B 226 -6.34 -7.22 13.09
C THR B 226 -5.37 -7.68 12.00
N ASP B 227 -5.79 -8.69 11.23
CA ASP B 227 -5.02 -9.19 10.11
C ASP B 227 -3.60 -9.59 10.53
N SER B 228 -3.52 -10.36 11.61
CA SER B 228 -2.24 -10.78 12.15
C SER B 228 -1.48 -11.67 11.17
N HIS B 229 -0.17 -11.50 11.13
CA HIS B 229 0.71 -12.30 10.27
C HIS B 229 0.40 -12.13 8.79
N THR B 230 -0.14 -10.96 8.44
CA THR B 230 -0.11 -10.47 7.07
C THR B 230 0.78 -9.24 7.06
N ALA B 231 1.55 -9.06 5.99
CA ALA B 231 2.57 -8.02 5.94
C ALA B 231 1.98 -6.64 6.24
N GLU B 232 0.91 -6.28 5.56
CA GLU B 232 0.31 -4.97 5.73
C GLU B 232 -0.36 -4.85 7.09
N GLY B 233 -1.03 -5.92 7.52
CA GLY B 233 -1.70 -5.93 8.80
C GLY B 233 -0.73 -5.69 9.95
N ASP B 234 0.42 -6.35 9.89
CA ASP B 234 1.42 -6.24 10.95
C ASP B 234 2.14 -4.89 10.90
N VAL B 235 2.29 -4.34 9.71
CA VAL B 235 2.88 -3.00 9.56
C VAL B 235 1.99 -1.96 10.22
N LEU B 236 0.69 -2.07 10.00
CA LEU B 236 -0.25 -1.12 10.55
C LEU B 236 -0.31 -1.26 12.08
N THR B 237 -0.20 -2.49 12.56
CA THR B 237 -0.14 -2.75 13.99
C THR B 237 1.13 -2.14 14.59
N LEU B 238 2.24 -2.30 13.89
CA LEU B 238 3.51 -1.73 14.32
C LEU B 238 3.45 -0.21 14.36
N LEU B 239 2.84 0.39 13.33
CA LEU B 239 2.65 1.83 13.30
C LEU B 239 1.88 2.31 14.52
N SER B 240 0.81 1.58 14.86
CA SER B 240 -0.03 1.94 15.99
C SER B 240 0.75 1.99 17.31
N ILE B 241 1.54 0.96 17.59
CA ILE B 241 2.27 0.93 18.85
C ILE B 241 3.37 1.99 18.86
N CYS B 242 3.90 2.30 17.67
CA CYS B 242 4.93 3.33 17.56
C CYS B 242 4.35 4.72 17.68
N GLN B 243 3.03 4.85 17.48
CA GLN B 243 2.34 6.12 17.65
C GLN B 243 1.85 6.32 19.08
N TRP B 244 2.05 5.33 19.94
CA TRP B 244 1.64 5.42 21.34
C TRP B 244 2.32 6.60 22.01
N LYS B 245 3.64 6.66 21.87
CA LYS B 245 4.45 7.78 22.34
C LYS B 245 5.35 8.25 21.21
N PRO B 246 4.79 9.03 20.28
CA PRO B 246 5.51 9.32 19.02
C PRO B 246 6.80 10.11 19.21
N GLN B 247 6.81 11.10 20.09
CA GLN B 247 8.01 11.89 20.32
C GLN B 247 9.11 11.03 20.92
N ALA B 248 8.76 10.24 21.93
CA ALA B 248 9.73 9.38 22.59
C ALA B 248 10.27 8.32 21.64
N LEU B 249 9.41 7.81 20.77
CA LEU B 249 9.86 6.82 19.79
C LEU B 249 10.87 7.43 18.83
N LEU B 250 10.60 8.64 18.35
CA LEU B 250 11.49 9.30 17.42
C LEU B 250 12.84 9.57 18.06
N GLN B 251 12.82 9.91 19.35
CA GLN B 251 14.06 10.12 20.10
C GLN B 251 14.88 8.85 20.15
N TRP B 252 14.20 7.73 20.44
CA TRP B 252 14.87 6.44 20.51
C TRP B 252 15.46 6.06 19.15
N VAL B 253 14.66 6.20 18.10
CA VAL B 253 15.10 5.86 16.76
C VAL B 253 16.33 6.68 16.38
N ASP B 254 16.28 7.98 16.65
CA ASP B 254 17.38 8.87 16.32
C ASP B 254 18.69 8.43 16.99
N GLU B 255 18.61 7.94 18.22
CA GLU B 255 19.80 7.60 18.98
C GLU B 255 20.33 6.20 18.67
N HIS B 256 19.43 5.28 18.32
CA HIS B 256 19.80 3.87 18.23
C HIS B 256 19.79 3.30 16.81
N ALA B 257 19.43 4.11 15.82
CA ALA B 257 19.48 3.68 14.44
C ALA B 257 20.92 3.37 14.05
N ARG B 258 21.09 2.38 13.19
CA ARG B 258 22.42 2.03 12.67
C ARG B 258 22.33 1.76 11.18
N PRO B 259 23.47 1.80 10.47
CA PRO B 259 23.45 1.58 9.02
C PRO B 259 22.97 0.17 8.68
N PHE B 260 22.08 0.07 7.70
CA PHE B 260 21.60 -1.24 7.26
C PHE B 260 22.72 -2.05 6.63
N SER B 261 23.73 -1.35 6.12
CA SER B 261 24.86 -2.00 5.47
C SER B 261 25.63 -2.90 6.44
N THR B 262 25.55 -2.58 7.73
CA THR B 262 26.28 -3.34 8.74
C THR B 262 25.50 -4.56 9.22
N VAL B 263 24.29 -4.73 8.70
CA VAL B 263 23.47 -5.88 9.06
C VAL B 263 24.06 -7.15 8.45
N LYS B 264 24.36 -8.13 9.29
CA LYS B 264 24.84 -9.41 8.82
C LYS B 264 23.71 -10.20 8.14
N PRO B 265 23.97 -10.74 6.94
CA PRO B 265 22.95 -11.56 6.27
C PRO B 265 22.51 -12.74 7.14
N MET B 266 21.24 -13.11 7.05
CA MET B 266 20.73 -14.25 7.81
C MET B 266 21.50 -15.51 7.41
N TYR B 267 21.71 -15.67 6.10
CA TYR B 267 22.43 -16.83 5.60
C TYR B 267 22.98 -16.59 4.20
N GLY B 268 23.90 -17.46 3.78
CA GLY B 268 24.27 -17.57 2.38
C GLY B 268 25.42 -16.74 1.87
N THR B 269 26.17 -16.10 2.77
CA THR B 269 27.30 -15.27 2.34
C THR B 269 28.35 -16.08 1.60
#